data_9HB0
#
_entry.id   9HB0
#
_cell.length_a   147.95
_cell.length_b   147.95
_cell.length_c   147.95
_cell.angle_alpha   90
_cell.angle_beta   90
_cell.angle_gamma   90
#
_symmetry.space_group_name_H-M   'I 2 3'
#
loop_
_entity.id
_entity.type
_entity.pdbx_description
1 polymer 'Plasmepsin X'
2 non-polymer (4S)-4-[(1R)-2-[2-(3-methoxyphenyl)propan-2-ylamino]-1-oxidanyl-ethyl]-16-propyl-3,16-diazatricyclo[16.3.1.1^{6,10}]tricosa-1(21),6,8,10(23),18(22),19-hexaene-2,17-dione
3 non-polymer 'SULFATE ION'
4 water water
#
_entity_poly.entity_id   1
_entity_poly.type   'polypeptide(L)'
_entity_poly.pdbx_seq_one_letter_code
;LENKNATVEQTKENIFLVPLKHLRDSQFVGELLVGTPPQTVYPIFDTGSTNVWVVTTACEEESCKKVRRYDPNKSKTFRR
SFIEKNLHIVFGSGSISGSVGTDTFMLGKHLVRNQTFGLVESESNNNKNGGDNIFDYISFEGIVGLGFPGMLSAGNIPFF
DNLLKQNPNVDPQFSFYISPYDGKSTLIIGGISKSFYEGDIYMLPVLKESYWEVKLDELYIGKERICCDEESYVIFDTGT
SYNTMPSSQMKTFLNLIHSTACTEQNYKDILKSYPIIKYVFGELIIELHPEEYMILNDDVCMPAYMQIDVPSERNHAYLL
GSLSFMRNFFTVFVRGTESRPSMVGVARAKSKNEPEA
;
_entity_poly.pdbx_strand_id   A
#
# COMPACT_ATOMS: atom_id res chain seq x y z
N GLU A 13 -4.03 25.37 -3.81
CA GLU A 13 -4.71 24.23 -4.50
C GLU A 13 -3.75 23.18 -5.10
N ASN A 14 -2.50 23.52 -5.43
N ASN A 14 -2.52 23.61 -5.44
CA ASN A 14 -1.66 22.68 -6.29
CA ASN A 14 -1.56 22.86 -6.22
C ASN A 14 -0.85 21.63 -5.50
C ASN A 14 -1.07 21.63 -5.44
N ILE A 15 -0.62 21.86 -4.20
CA ILE A 15 -0.21 20.83 -3.26
C ILE A 15 -1.39 20.66 -2.29
N PHE A 16 -1.85 19.43 -2.07
CA PHE A 16 -3.04 19.25 -1.24
C PHE A 16 -2.90 17.96 -0.46
N LEU A 17 -3.67 17.91 0.64
CA LEU A 17 -3.56 16.88 1.66
C LEU A 17 -4.79 15.99 1.54
N VAL A 18 -4.56 14.69 1.81
CA VAL A 18 -5.64 13.75 1.96
C VAL A 18 -5.39 13.12 3.32
N PRO A 19 -6.04 13.60 4.41
CA PRO A 19 -5.87 13.00 5.72
C PRO A 19 -6.24 11.52 5.69
N LEU A 20 -5.46 10.73 6.42
CA LEU A 20 -5.66 9.28 6.49
C LEU A 20 -6.05 8.92 7.92
N LYS A 21 -7.06 8.06 8.08
CA LYS A 21 -7.52 7.54 9.39
C LYS A 21 -6.98 6.12 9.53
N HIS A 22 -6.34 5.84 10.69
CA HIS A 22 -5.81 4.51 10.99
C HIS A 22 -6.91 3.69 11.64
N LEU A 23 -7.48 2.76 10.88
CA LEU A 23 -8.48 1.79 11.36
C LEU A 23 -7.77 0.46 11.58
N ARG A 24 -8.48 -0.36 12.39
N ARG A 24 -8.25 -0.45 12.44
CA ARG A 24 -8.03 -1.63 12.92
CA ARG A 24 -7.41 -1.60 12.80
C ARG A 24 -7.36 -2.44 11.82
C ARG A 24 -7.45 -2.67 11.72
N ASP A 25 -6.40 -3.21 12.29
N ASP A 25 -6.26 -3.17 11.36
CA ASP A 25 -5.46 -3.95 11.49
CA ASP A 25 -6.12 -4.28 10.43
C ASP A 25 -4.34 -2.97 11.21
C ASP A 25 -6.59 -3.91 9.04
N SER A 26 -4.36 -2.42 9.99
N SER A 26 -6.64 -2.64 8.66
CA SER A 26 -3.56 -1.25 9.70
CA SER A 26 -7.21 -2.30 7.37
C SER A 26 -4.19 -0.51 8.55
C SER A 26 -6.40 -1.26 6.59
N GLN A 27 -5.48 -0.28 8.68
N GLN A 27 -5.20 -0.95 7.11
CA GLN A 27 -6.27 0.26 7.59
CA GLN A 27 -4.28 0.01 6.51
C GLN A 27 -6.20 1.77 7.65
C GLN A 27 -4.87 1.41 6.64
N PHE A 28 -5.39 2.34 6.76
N PHE A 28 -4.66 2.29 5.63
CA PHE A 28 -5.31 3.76 6.51
CA PHE A 28 -4.89 3.72 5.82
C PHE A 28 -6.10 4.09 5.22
C PHE A 28 -6.02 4.28 4.94
N VAL A 29 -7.12 4.86 5.50
CA VAL A 29 -8.26 5.20 4.66
C VAL A 29 -8.34 6.71 4.57
N GLY A 30 -8.78 7.19 3.39
CA GLY A 30 -9.04 8.59 3.21
C GLY A 30 -10.39 8.80 2.51
N GLU A 31 -10.89 10.02 2.56
CA GLU A 31 -12.16 10.41 1.96
C GLU A 31 -12.03 10.52 0.42
N LEU A 32 -12.82 9.74 -0.32
CA LEU A 32 -12.99 9.79 -1.76
C LEU A 32 -14.46 10.03 -2.07
N LEU A 33 -14.71 10.95 -3.03
CA LEU A 33 -16.09 11.26 -3.45
C LEU A 33 -16.29 10.68 -4.85
N VAL A 34 -17.44 10.00 -5.05
CA VAL A 34 -17.67 9.27 -6.29
C VAL A 34 -19.07 9.65 -6.76
N GLY A 35 -19.22 10.02 -8.04
CA GLY A 35 -20.54 10.18 -8.66
C GLY A 35 -21.11 11.59 -8.50
N THR A 36 -22.28 11.83 -9.12
CA THR A 36 -22.94 13.14 -9.12
C THR A 36 -24.43 12.96 -8.75
N PRO A 37 -24.97 13.48 -7.61
CA PRO A 37 -24.20 14.14 -6.55
C PRO A 37 -23.24 13.17 -5.84
N PRO A 38 -22.21 13.66 -5.11
CA PRO A 38 -21.13 12.81 -4.62
C PRO A 38 -21.56 11.91 -3.46
N GLN A 39 -21.18 10.62 -3.55
CA GLN A 39 -21.29 9.69 -2.45
C GLN A 39 -19.88 9.49 -1.89
N THR A 40 -19.80 9.40 -0.56
CA THR A 40 -18.53 9.38 0.13
C THR A 40 -18.12 7.95 0.39
N VAL A 41 -16.84 7.64 0.18
CA VAL A 41 -16.34 6.33 0.55
C VAL A 41 -14.98 6.55 1.19
N TYR A 42 -14.55 5.55 1.97
CA TYR A 42 -13.30 5.62 2.71
C TYR A 42 -12.39 4.47 2.28
N PRO A 43 -11.81 4.54 1.06
CA PRO A 43 -10.92 3.50 0.57
C PRO A 43 -9.52 3.58 1.16
N ILE A 44 -8.75 2.48 1.09
N ILE A 44 -8.79 2.46 1.07
CA ILE A 44 -7.30 2.55 1.37
CA ILE A 44 -7.35 2.35 1.24
C ILE A 44 -6.55 2.94 0.10
C ILE A 44 -6.67 3.13 0.10
N PHE A 45 -5.50 3.72 0.35
CA PHE A 45 -4.62 4.28 -0.67
C PHE A 45 -3.41 3.36 -0.80
N ASP A 46 -3.36 2.60 -1.91
CA ASP A 46 -2.52 1.43 -2.02
C ASP A 46 -1.50 1.62 -3.15
N THR A 47 -0.21 1.79 -2.82
CA THR A 47 0.83 1.78 -3.85
C THR A 47 1.16 0.39 -4.40
N GLY A 48 0.65 -0.68 -3.80
CA GLY A 48 0.83 -2.06 -4.20
C GLY A 48 -0.18 -2.61 -5.20
N SER A 49 -1.06 -1.78 -5.72
CA SER A 49 -2.02 -2.18 -6.76
C SER A 49 -2.40 -0.97 -7.59
N THR A 50 -3.12 -1.20 -8.68
CA THR A 50 -3.44 -0.14 -9.62
C THR A 50 -4.94 0.18 -9.76
N ASN A 51 -5.79 -0.80 -9.84
CA ASN A 51 -7.23 -0.60 -10.01
C ASN A 51 -7.79 0.28 -8.89
N VAL A 52 -8.77 1.11 -9.24
CA VAL A 52 -9.68 1.62 -8.23
C VAL A 52 -10.79 0.57 -8.00
N TRP A 53 -11.06 0.24 -6.74
CA TRP A 53 -12.22 -0.53 -6.34
C TRP A 53 -13.11 0.28 -5.41
N VAL A 54 -14.45 0.14 -5.56
CA VAL A 54 -15.38 0.77 -4.66
C VAL A 54 -16.40 -0.31 -4.27
N VAL A 55 -16.71 -0.40 -2.97
CA VAL A 55 -17.73 -1.32 -2.52
C VAL A 55 -19.10 -0.73 -2.88
N THR A 56 -19.94 -1.58 -3.47
CA THR A 56 -21.22 -1.15 -4.04
C THR A 56 -22.41 -1.96 -3.51
N THR A 57 -23.58 -1.44 -3.87
CA THR A 57 -24.90 -2.03 -3.63
C THR A 57 -25.07 -3.37 -4.35
N ALA A 58 -24.17 -3.73 -5.27
CA ALA A 58 -24.21 -5.05 -5.90
C ALA A 58 -23.71 -6.12 -4.95
N CYS A 59 -22.92 -5.73 -3.92
CA CYS A 59 -22.43 -6.69 -2.98
C CYS A 59 -23.43 -6.83 -1.83
N GLU A 60 -24.02 -8.04 -1.72
CA GLU A 60 -25.05 -8.36 -0.75
C GLU A 60 -24.55 -9.19 0.44
N GLU A 61 -23.25 -9.40 0.55
CA GLU A 61 -22.66 -10.07 1.71
C GLU A 61 -22.79 -9.12 2.91
N GLU A 62 -22.87 -9.71 4.08
CA GLU A 62 -22.93 -9.00 5.34
C GLU A 62 -21.73 -8.06 5.46
N SER A 63 -20.53 -8.50 5.04
CA SER A 63 -19.34 -7.67 5.07
C SER A 63 -19.47 -6.42 4.22
N CYS A 64 -20.28 -6.42 3.14
CA CYS A 64 -20.56 -5.22 2.36
C CYS A 64 -21.74 -4.43 2.92
N LYS A 65 -22.81 -5.11 3.33
CA LYS A 65 -24.01 -4.47 3.85
C LYS A 65 -23.72 -3.58 5.07
N LYS A 66 -22.67 -3.92 5.82
CA LYS A 66 -22.38 -3.16 7.03
C LYS A 66 -21.68 -1.84 6.75
N VAL A 67 -21.15 -1.59 5.52
CA VAL A 67 -20.44 -0.35 5.24
C VAL A 67 -21.32 0.52 4.35
N ARG A 68 -20.85 1.75 4.10
CA ARG A 68 -21.50 2.70 3.20
C ARG A 68 -21.22 2.20 1.78
N ARG A 69 -22.26 1.72 1.09
CA ARG A 69 -22.11 1.12 -0.22
C ARG A 69 -22.47 2.15 -1.28
N TYR A 70 -21.61 2.28 -2.28
CA TYR A 70 -21.87 3.18 -3.40
C TYR A 70 -23.00 2.61 -4.24
N ASP A 71 -23.93 3.51 -4.58
CA ASP A 71 -25.12 3.15 -5.36
C ASP A 71 -25.03 3.81 -6.72
N PRO A 72 -24.61 3.08 -7.78
CA PRO A 72 -24.43 3.68 -9.09
C PRO A 72 -25.69 4.27 -9.71
N ASN A 73 -26.87 3.74 -9.34
CA ASN A 73 -28.14 4.24 -9.85
C ASN A 73 -28.40 5.66 -9.33
N LYS A 74 -27.80 6.04 -8.18
CA LYS A 74 -27.97 7.37 -7.63
C LYS A 74 -27.00 8.38 -8.29
N SER A 75 -26.06 7.90 -9.15
CA SER A 75 -25.07 8.75 -9.83
C SER A 75 -25.50 9.05 -11.27
N LYS A 76 -25.70 10.35 -11.57
CA LYS A 76 -26.08 10.81 -12.90
C LYS A 76 -24.94 10.61 -13.91
N THR A 77 -23.66 10.64 -13.44
CA THR A 77 -22.48 10.52 -14.30
C THR A 77 -21.95 9.09 -14.39
N PHE A 78 -22.54 8.13 -13.68
CA PHE A 78 -22.09 6.76 -13.75
C PHE A 78 -22.38 6.19 -15.12
N ARG A 79 -21.40 5.50 -15.71
CA ARG A 79 -21.65 4.71 -16.89
C ARG A 79 -21.09 3.31 -16.66
N ARG A 80 -21.96 2.30 -16.79
CA ARG A 80 -21.49 0.93 -16.83
C ARG A 80 -20.54 0.79 -18.02
N SER A 81 -19.44 0.03 -17.87
CA SER A 81 -18.49 -0.07 -18.98
C SER A 81 -19.16 -0.83 -20.11
N PHE A 82 -18.76 -0.49 -21.36
CA PHE A 82 -19.29 -1.18 -22.51
C PHE A 82 -18.91 -2.67 -22.45
N ILE A 83 -17.60 -2.96 -22.32
CA ILE A 83 -17.12 -4.33 -22.20
C ILE A 83 -17.55 -4.85 -20.81
N GLU A 84 -18.49 -5.81 -20.76
CA GLU A 84 -19.00 -6.35 -19.49
C GLU A 84 -17.99 -7.39 -18.96
N LYS A 85 -17.02 -6.91 -18.15
CA LYS A 85 -15.91 -7.70 -17.64
C LYS A 85 -16.22 -8.00 -16.18
N ASN A 86 -16.07 -9.26 -15.76
CA ASN A 86 -16.04 -9.59 -14.34
C ASN A 86 -14.58 -9.75 -13.95
N LEU A 87 -14.10 -8.86 -13.08
CA LEU A 87 -12.76 -8.96 -12.54
C LEU A 87 -12.76 -9.80 -11.27
N HIS A 88 -11.80 -10.74 -11.16
N HIS A 88 -11.67 -10.55 -11.04
CA HIS A 88 -11.48 -11.44 -9.92
CA HIS A 88 -11.53 -11.46 -9.91
C HIS A 88 -10.07 -10.99 -9.59
C HIS A 88 -10.08 -11.36 -9.43
N ILE A 89 -9.85 -10.60 -8.34
CA ILE A 89 -8.53 -10.26 -7.86
C ILE A 89 -8.26 -11.06 -6.59
N VAL A 90 -7.14 -11.77 -6.56
CA VAL A 90 -6.72 -12.51 -5.39
C VAL A 90 -5.63 -11.66 -4.72
N PHE A 91 -5.97 -10.95 -3.65
CA PHE A 91 -4.97 -10.23 -2.87
C PHE A 91 -4.35 -11.21 -1.86
N GLY A 92 -3.28 -10.81 -1.17
CA GLY A 92 -2.75 -11.63 -0.09
C GLY A 92 -3.72 -11.70 1.08
N SER A 93 -4.60 -10.71 1.22
CA SER A 93 -5.46 -10.56 2.37
C SER A 93 -6.84 -11.21 2.18
N GLY A 94 -7.20 -11.50 0.94
CA GLY A 94 -8.54 -11.98 0.59
C GLY A 94 -8.79 -11.75 -0.91
N SER A 95 -9.98 -12.09 -1.39
CA SER A 95 -10.36 -11.94 -2.80
C SER A 95 -11.54 -11.01 -2.97
N ILE A 96 -11.51 -10.20 -4.04
CA ILE A 96 -12.67 -9.44 -4.43
C ILE A 96 -12.99 -9.66 -5.91
N SER A 97 -14.27 -9.50 -6.22
CA SER A 97 -14.81 -9.69 -7.57
C SER A 97 -15.79 -8.55 -7.81
N GLY A 98 -15.98 -8.24 -9.08
CA GLY A 98 -17.12 -7.44 -9.47
C GLY A 98 -16.98 -7.01 -10.91
N SER A 99 -17.76 -6.00 -11.29
CA SER A 99 -17.82 -5.57 -12.68
C SER A 99 -17.15 -4.20 -12.80
N VAL A 100 -17.13 -3.64 -14.00
CA VAL A 100 -16.37 -2.44 -14.30
C VAL A 100 -17.33 -1.34 -14.72
N GLY A 101 -17.00 -0.12 -14.32
CA GLY A 101 -17.76 1.03 -14.75
C GLY A 101 -16.87 2.26 -14.74
N THR A 102 -17.54 3.40 -14.97
CA THR A 102 -16.90 4.69 -15.09
C THR A 102 -17.72 5.73 -14.35
N ASP A 103 -17.02 6.68 -13.71
CA ASP A 103 -17.64 7.79 -13.01
C ASP A 103 -16.63 8.91 -12.77
N THR A 104 -17.16 10.02 -12.25
CA THR A 104 -16.40 11.15 -11.78
C THR A 104 -16.05 10.94 -10.30
N PHE A 105 -14.76 11.14 -10.01
CA PHE A 105 -14.26 11.09 -8.66
C PHE A 105 -13.77 12.47 -8.25
N MET A 106 -13.83 12.73 -6.93
CA MET A 106 -13.25 13.91 -6.33
C MET A 106 -12.32 13.48 -5.18
N LEU A 107 -11.03 13.85 -5.27
CA LEU A 107 -10.06 13.65 -4.20
C LEU A 107 -9.45 15.00 -3.83
N GLY A 108 -9.65 15.41 -2.58
CA GLY A 108 -9.04 16.58 -2.00
C GLY A 108 -9.38 17.86 -2.76
N LYS A 109 -10.65 17.98 -3.22
CA LYS A 109 -11.15 19.11 -4.00
C LYS A 109 -10.63 19.09 -5.46
N HIS A 110 -10.03 17.97 -5.94
CA HIS A 110 -9.61 17.82 -7.32
C HIS A 110 -10.50 16.81 -8.05
N LEU A 111 -10.91 17.15 -9.30
CA LEU A 111 -11.86 16.36 -10.07
C LEU A 111 -11.08 15.38 -10.92
N VAL A 112 -11.61 14.15 -11.09
CA VAL A 112 -11.08 13.13 -11.99
C VAL A 112 -12.29 12.50 -12.70
N ARG A 113 -12.62 12.97 -13.92
CA ARG A 113 -13.78 12.51 -14.65
C ARG A 113 -13.43 11.25 -15.46
N ASN A 114 -14.47 10.51 -15.90
N ASN A 114 -14.45 10.41 -15.70
CA ASN A 114 -14.37 9.32 -16.74
CA ASN A 114 -14.39 9.36 -16.71
C ASN A 114 -13.23 8.40 -16.30
C ASN A 114 -13.37 8.29 -16.33
N GLN A 115 -13.27 8.03 -15.02
CA GLN A 115 -12.32 7.08 -14.44
C GLN A 115 -12.94 5.68 -14.35
N THR A 116 -12.27 4.69 -14.95
CA THR A 116 -12.66 3.30 -14.81
C THR A 116 -12.34 2.85 -13.38
N PHE A 117 -13.23 2.03 -12.83
CA PHE A 117 -13.08 1.43 -11.52
C PHE A 117 -13.85 0.13 -11.48
N GLY A 118 -13.49 -0.70 -10.49
CA GLY A 118 -14.16 -1.94 -10.19
C GLY A 118 -15.24 -1.67 -9.14
N LEU A 119 -16.38 -2.30 -9.36
CA LEU A 119 -17.55 -2.21 -8.50
C LEU A 119 -17.64 -3.52 -7.74
N VAL A 120 -17.28 -3.50 -6.43
CA VAL A 120 -17.22 -4.75 -5.69
C VAL A 120 -18.62 -5.38 -5.64
N GLU A 121 -18.70 -6.67 -6.02
CA GLU A 121 -19.90 -7.49 -5.92
CA GLU A 121 -19.92 -7.47 -5.91
C GLU A 121 -19.72 -8.60 -4.88
N SER A 122 -18.48 -8.99 -4.63
CA SER A 122 -18.16 -10.08 -3.75
C SER A 122 -16.83 -9.86 -3.04
N GLU A 123 -16.75 -10.41 -1.83
CA GLU A 123 -15.57 -10.36 -0.96
C GLU A 123 -15.45 -11.73 -0.30
N SER A 124 -14.26 -12.30 -0.26
CA SER A 124 -14.05 -13.63 0.31
C SER A 124 -12.64 -13.80 0.87
N ASN A 125 -12.44 -14.86 1.66
CA ASN A 125 -11.07 -15.27 1.95
C ASN A 125 -10.56 -16.07 0.74
N ASN A 126 -9.29 -16.48 0.78
CA ASN A 126 -8.66 -17.18 -0.35
C ASN A 126 -8.74 -18.71 -0.20
N ASN A 127 -9.43 -19.24 0.83
CA ASN A 127 -9.37 -20.66 1.19
C ASN A 127 -10.35 -21.46 0.32
N GLY A 131 -15.46 -19.37 4.71
CA GLY A 131 -16.00 -18.98 6.03
C GLY A 131 -15.64 -17.53 6.36
N ASP A 132 -15.30 -17.26 7.64
CA ASP A 132 -15.03 -15.90 8.09
C ASP A 132 -13.75 -15.40 7.43
N ASN A 133 -13.77 -14.13 7.04
CA ASN A 133 -12.68 -13.54 6.29
C ASN A 133 -12.32 -12.19 6.94
N ILE A 134 -11.27 -11.59 6.39
CA ILE A 134 -10.82 -10.29 6.86
C ILE A 134 -11.94 -9.24 6.75
N PHE A 135 -12.77 -9.29 5.71
CA PHE A 135 -13.79 -8.30 5.48
C PHE A 135 -14.89 -8.36 6.56
N ASP A 136 -15.06 -9.49 7.24
CA ASP A 136 -15.98 -9.56 8.37
C ASP A 136 -15.49 -8.77 9.58
N TYR A 137 -14.17 -8.58 9.70
CA TYR A 137 -13.55 -7.86 10.79
C TYR A 137 -13.41 -6.37 10.44
N ILE A 138 -12.80 -6.04 9.30
CA ILE A 138 -12.58 -4.64 8.92
C ILE A 138 -13.84 -3.99 8.33
N SER A 139 -13.76 -2.69 8.03
CA SER A 139 -14.79 -1.89 7.37
C SER A 139 -14.29 -1.45 6.01
N PHE A 140 -14.25 -2.39 5.07
CA PHE A 140 -13.64 -2.17 3.76
C PHE A 140 -14.63 -1.44 2.87
N GLU A 141 -14.19 -0.33 2.26
CA GLU A 141 -15.04 0.36 1.31
C GLU A 141 -14.39 0.50 -0.08
N GLY A 142 -13.12 0.17 -0.23
CA GLY A 142 -12.48 0.18 -1.54
C GLY A 142 -10.99 0.40 -1.45
N ILE A 143 -10.39 0.52 -2.63
CA ILE A 143 -8.96 0.72 -2.83
C ILE A 143 -8.77 1.78 -3.89
N VAL A 144 -7.89 2.73 -3.60
CA VAL A 144 -7.37 3.64 -4.61
C VAL A 144 -5.96 3.16 -4.91
N GLY A 145 -5.83 2.44 -6.01
CA GLY A 145 -4.53 1.95 -6.44
C GLY A 145 -3.70 3.10 -7.01
N LEU A 146 -2.42 3.14 -6.62
CA LEU A 146 -1.46 4.16 -7.05
C LEU A 146 -0.29 3.52 -7.80
N GLY A 147 -0.41 2.26 -8.21
CA GLY A 147 0.55 1.49 -9.01
C GLY A 147 0.49 1.87 -10.49
N PHE A 148 1.14 1.03 -11.32
CA PHE A 148 1.40 1.33 -12.71
C PHE A 148 0.51 0.51 -13.63
N PRO A 149 0.43 0.87 -14.97
CA PRO A 149 -0.50 0.22 -15.88
C PRO A 149 -0.37 -1.28 -16.04
N GLY A 150 0.79 -1.85 -15.73
CA GLY A 150 1.00 -3.29 -15.71
C GLY A 150 0.05 -4.12 -14.83
N MET A 151 -0.65 -3.51 -13.86
N MET A 151 -0.65 -3.50 -13.87
CA MET A 151 -1.68 -4.21 -13.10
CA MET A 151 -1.66 -4.21 -13.10
C MET A 151 -3.00 -3.47 -13.19
C MET A 151 -3.03 -3.57 -13.25
N LEU A 152 -3.20 -2.70 -14.27
CA LEU A 152 -4.48 -2.12 -14.59
C LEU A 152 -5.32 -3.15 -15.36
N SER A 153 -6.43 -3.63 -14.76
CA SER A 153 -7.15 -4.81 -15.22
C SER A 153 -8.19 -4.39 -16.23
N ALA A 154 -8.68 -3.15 -16.07
CA ALA A 154 -9.68 -2.61 -16.96
C ALA A 154 -9.44 -1.12 -17.11
N GLY A 155 -9.73 -0.59 -18.31
CA GLY A 155 -9.58 0.83 -18.60
C GLY A 155 -8.18 1.17 -19.12
N ASN A 156 -8.04 2.45 -19.49
CA ASN A 156 -6.92 2.90 -20.32
C ASN A 156 -5.84 3.48 -19.42
N ILE A 157 -6.22 4.10 -18.29
CA ILE A 157 -5.35 4.99 -17.55
C ILE A 157 -5.52 4.77 -16.05
N PRO A 158 -4.41 4.51 -15.31
CA PRO A 158 -4.47 4.50 -13.84
C PRO A 158 -5.01 5.80 -13.26
N PHE A 159 -5.74 5.70 -12.15
CA PHE A 159 -6.28 6.81 -11.38
C PHE A 159 -5.30 7.97 -11.25
N PHE A 160 -4.12 7.69 -10.71
CA PHE A 160 -3.19 8.78 -10.41
C PHE A 160 -2.78 9.51 -11.71
N ASP A 161 -2.50 8.77 -12.79
CA ASP A 161 -2.16 9.40 -14.07
C ASP A 161 -3.32 10.20 -14.62
N ASN A 162 -4.56 9.75 -14.40
CA ASN A 162 -5.75 10.47 -14.81
C ASN A 162 -5.92 11.76 -14.01
N LEU A 163 -5.63 11.74 -12.72
CA LEU A 163 -5.78 12.93 -11.89
C LEU A 163 -4.78 13.99 -12.36
N LEU A 164 -3.55 13.56 -12.67
CA LEU A 164 -2.48 14.45 -13.10
C LEU A 164 -2.84 15.04 -14.46
N LYS A 165 -3.31 14.17 -15.39
CA LYS A 165 -3.78 14.57 -16.73
C LYS A 165 -4.83 15.67 -16.64
N GLN A 166 -5.82 15.51 -15.76
CA GLN A 166 -6.91 16.47 -15.58
C GLN A 166 -6.63 17.61 -14.60
N ASN A 167 -5.48 17.62 -13.95
CA ASN A 167 -5.05 18.64 -12.99
C ASN A 167 -3.59 18.98 -13.35
N PRO A 168 -3.35 19.82 -14.39
CA PRO A 168 -2.01 19.96 -14.99
C PRO A 168 -0.98 20.80 -14.21
N ASN A 169 -1.49 21.58 -13.22
CA ASN A 169 -0.64 22.31 -12.29
C ASN A 169 -0.26 21.50 -11.04
N VAL A 170 -0.79 20.28 -10.87
CA VAL A 170 -0.30 19.45 -9.78
C VAL A 170 1.06 18.93 -10.27
N ASP A 171 2.10 19.10 -9.43
CA ASP A 171 3.35 18.35 -9.62
C ASP A 171 3.09 16.85 -9.53
N PRO A 172 3.71 15.99 -10.41
CA PRO A 172 3.50 14.54 -10.41
C PRO A 172 4.26 13.75 -9.34
N GLN A 173 3.75 13.85 -8.11
CA GLN A 173 4.34 13.14 -6.98
C GLN A 173 3.29 13.04 -5.88
N PHE A 174 3.48 12.06 -5.00
CA PHE A 174 2.71 11.97 -3.79
C PHE A 174 3.60 11.36 -2.73
N SER A 175 3.30 11.67 -1.46
CA SER A 175 4.06 11.09 -0.35
C SER A 175 3.11 10.67 0.77
N PHE A 176 3.46 9.58 1.45
CA PHE A 176 2.75 9.16 2.64
C PHE A 176 3.57 9.52 3.86
N TYR A 177 2.94 10.24 4.78
CA TYR A 177 3.42 10.38 6.13
C TYR A 177 2.59 9.47 7.05
N ILE A 178 3.22 8.42 7.63
CA ILE A 178 2.51 7.47 8.49
C ILE A 178 2.84 7.80 9.94
N SER A 179 1.81 8.16 10.73
CA SER A 179 1.78 8.25 12.20
C SER A 179 2.30 9.61 12.66
N GLY A 183 -3.45 10.65 15.14
CA GLY A 183 -4.36 11.07 14.06
C GLY A 183 -3.73 12.03 13.03
N LYS A 184 -2.42 11.86 12.76
CA LYS A 184 -1.67 12.77 11.90
C LYS A 184 -1.09 12.07 10.65
N SER A 185 -1.57 10.89 10.24
CA SER A 185 -1.15 10.31 8.97
C SER A 185 -1.85 11.06 7.84
N THR A 186 -1.15 11.28 6.73
CA THR A 186 -1.70 12.05 5.62
C THR A 186 -0.98 11.65 4.33
N LEU A 187 -1.75 11.59 3.23
CA LEU A 187 -1.25 11.54 1.87
C LEU A 187 -1.12 12.99 1.41
N ILE A 188 0.07 13.38 0.96
CA ILE A 188 0.31 14.69 0.40
C ILE A 188 0.55 14.50 -1.09
N ILE A 189 -0.16 15.25 -1.91
CA ILE A 189 -0.05 15.11 -3.34
C ILE A 189 0.49 16.42 -3.90
N GLY A 190 1.44 16.31 -4.82
CA GLY A 190 1.96 17.46 -5.55
C GLY A 190 3.20 18.10 -4.92
N GLY A 191 3.73 17.52 -3.85
CA GLY A 191 4.75 18.19 -3.08
C GLY A 191 4.96 17.49 -1.74
N ILE A 192 5.89 18.04 -0.96
CA ILE A 192 6.29 17.48 0.31
C ILE A 192 6.34 18.59 1.34
N SER A 193 6.47 18.20 2.61
CA SER A 193 6.59 19.13 3.73
C SER A 193 7.69 18.64 4.67
N LYS A 194 8.48 19.62 5.18
CA LYS A 194 9.57 19.37 6.10
C LYS A 194 9.05 19.02 7.50
N SER A 195 7.75 19.27 7.74
CA SER A 195 7.01 18.68 8.86
C SER A 195 7.20 17.16 8.94
N PHE A 196 7.34 16.46 7.79
CA PHE A 196 7.22 15.01 7.72
C PHE A 196 8.56 14.25 7.72
N TYR A 197 9.70 14.93 7.48
CA TYR A 197 10.98 14.23 7.36
C TYR A 197 12.14 15.08 7.88
N GLU A 198 13.29 14.38 8.04
CA GLU A 198 14.55 14.89 8.57
C GLU A 198 15.67 14.46 7.63
N GLY A 199 16.74 15.29 7.51
CA GLY A 199 17.87 14.99 6.62
C GLY A 199 17.50 15.05 5.13
N ASP A 200 18.24 14.28 4.30
CA ASP A 200 18.05 14.29 2.85
C ASP A 200 17.08 13.20 2.36
N ILE A 201 16.67 13.35 1.08
CA ILE A 201 15.84 12.37 0.36
C ILE A 201 16.69 11.72 -0.73
N TYR A 202 16.80 10.36 -0.74
CA TYR A 202 17.63 9.68 -1.74
C TYR A 202 16.68 8.98 -2.70
N MET A 203 17.09 8.93 -3.98
CA MET A 203 16.21 8.63 -5.10
C MET A 203 16.68 7.33 -5.76
N LEU A 204 15.72 6.45 -6.05
CA LEU A 204 15.98 5.19 -6.70
C LEU A 204 15.06 5.13 -7.90
N PRO A 205 15.57 4.66 -9.05
CA PRO A 205 14.74 4.49 -10.23
C PRO A 205 13.78 3.32 -10.14
N VAL A 206 12.57 3.55 -10.66
CA VAL A 206 11.55 2.54 -10.67
C VAL A 206 11.74 1.64 -11.87
N LEU A 207 11.50 0.35 -11.65
CA LEU A 207 11.67 -0.71 -12.62
C LEU A 207 10.33 -1.34 -12.99
N LYS A 208 10.28 -1.82 -14.25
CA LYS A 208 9.16 -2.60 -14.80
C LYS A 208 7.95 -1.68 -14.89
N GLU A 209 6.75 -2.26 -14.90
CA GLU A 209 5.54 -1.56 -15.25
C GLU A 209 4.38 -1.74 -14.29
N SER A 210 4.61 -2.23 -13.06
CA SER A 210 3.51 -2.61 -12.16
C SER A 210 3.52 -1.84 -10.85
N TYR A 211 4.68 -1.72 -10.23
CA TYR A 211 4.77 -1.34 -8.84
C TYR A 211 5.81 -0.24 -8.68
N TRP A 212 5.84 0.36 -7.47
CA TRP A 212 6.95 1.23 -7.08
C TRP A 212 8.10 0.34 -6.62
N GLU A 213 8.79 -0.19 -7.63
CA GLU A 213 9.76 -1.29 -7.54
C GLU A 213 11.14 -0.79 -7.90
N VAL A 214 12.11 -1.15 -7.07
CA VAL A 214 13.51 -0.72 -7.23
C VAL A 214 14.41 -1.93 -7.10
N LYS A 215 15.63 -1.78 -7.64
CA LYS A 215 16.60 -2.84 -7.56
C LYS A 215 17.12 -2.99 -6.14
N LEU A 216 17.24 -4.23 -5.67
CA LEU A 216 17.89 -4.52 -4.39
C LEU A 216 19.20 -5.23 -4.70
N ASP A 217 20.32 -4.65 -4.28
CA ASP A 217 21.62 -5.26 -4.54
C ASP A 217 21.98 -6.33 -3.54
N GLU A 218 21.83 -6.04 -2.25
CA GLU A 218 22.18 -6.96 -1.18
C GLU A 218 21.22 -6.75 0.00
N LEU A 219 21.13 -7.76 0.86
CA LEU A 219 20.36 -7.68 2.12
C LEU A 219 21.12 -8.48 3.17
N TYR A 220 21.37 -7.82 4.30
CA TYR A 220 22.05 -8.40 5.45
C TYR A 220 21.08 -8.44 6.64
N ILE A 221 21.07 -9.56 7.35
CA ILE A 221 20.51 -9.62 8.70
C ILE A 221 21.67 -9.73 9.67
N GLY A 222 21.98 -8.59 10.31
CA GLY A 222 23.22 -8.45 11.05
C GLY A 222 24.43 -8.75 10.17
N LYS A 223 25.31 -9.66 10.60
CA LYS A 223 26.49 -10.00 9.80
C LYS A 223 26.17 -10.95 8.63
N GLU A 224 24.97 -11.52 8.55
CA GLU A 224 24.65 -12.52 7.51
C GLU A 224 24.12 -11.89 6.23
N ARG A 225 24.84 -12.10 5.11
CA ARG A 225 24.28 -11.76 3.83
C ARG A 225 23.27 -12.83 3.47
N ILE A 226 22.05 -12.45 3.11
CA ILE A 226 21.03 -13.39 2.67
C ILE A 226 20.56 -13.13 1.24
N CYS A 227 21.02 -12.05 0.62
CA CYS A 227 20.68 -11.67 -0.74
C CYS A 227 21.82 -10.74 -1.21
N CYS A 228 22.14 -10.69 -2.51
CA CYS A 228 21.39 -11.25 -3.61
C CYS A 228 22.32 -11.85 -4.67
N ASP A 229 21.92 -12.99 -5.21
CA ASP A 229 22.64 -13.63 -6.33
C ASP A 229 21.92 -13.61 -7.66
N GLU A 230 20.60 -13.50 -7.63
N GLU A 230 20.59 -13.52 -7.66
CA GLU A 230 19.79 -13.18 -8.79
CA GLU A 230 19.77 -13.27 -8.84
C GLU A 230 19.37 -11.71 -8.68
C GLU A 230 19.12 -11.91 -8.65
N GLU A 231 18.78 -11.24 -9.77
CA GLU A 231 18.11 -9.95 -9.77
C GLU A 231 16.97 -9.96 -8.75
N SER A 232 16.98 -8.99 -7.83
CA SER A 232 16.07 -8.90 -6.73
C SER A 232 15.58 -7.46 -6.62
N TYR A 233 14.45 -7.34 -5.95
CA TYR A 233 13.70 -6.10 -5.98
C TYR A 233 13.06 -5.79 -4.64
N VAL A 234 12.93 -4.49 -4.35
CA VAL A 234 12.10 -4.04 -3.25
C VAL A 234 10.90 -3.36 -3.90
N ILE A 235 9.76 -3.59 -3.28
CA ILE A 235 8.50 -2.91 -3.63
C ILE A 235 7.97 -2.17 -2.41
N PHE A 236 7.68 -0.88 -2.58
CA PHE A 236 7.10 -0.01 -1.59
C PHE A 236 5.59 -0.13 -1.65
N ASP A 237 4.98 -0.75 -0.60
CA ASP A 237 3.59 -1.20 -0.66
C ASP A 237 2.83 -0.68 0.55
N THR A 238 2.13 0.46 0.37
CA THR A 238 1.31 1.01 1.45
C THR A 238 0.10 0.14 1.76
N GLY A 239 -0.24 -0.83 0.90
CA GLY A 239 -1.37 -1.72 1.09
C GLY A 239 -1.13 -2.90 2.02
N THR A 240 0.13 -3.04 2.49
CA THR A 240 0.53 -4.14 3.36
C THR A 240 1.27 -3.57 4.56
N SER A 241 0.90 -4.02 5.77
CA SER A 241 1.50 -3.55 6.99
C SER A 241 2.90 -4.08 7.12
N TYR A 242 3.11 -5.30 6.67
CA TYR A 242 4.33 -6.01 6.95
C TYR A 242 5.38 -5.75 5.88
N ASN A 243 6.64 -5.97 6.25
CA ASN A 243 7.67 -6.21 5.25
C ASN A 243 7.61 -7.67 4.84
N THR A 244 8.22 -8.05 3.70
CA THR A 244 8.24 -9.41 3.24
C THR A 244 9.60 -9.84 2.74
N MET A 245 9.75 -11.15 2.63
N MET A 245 9.72 -11.15 2.56
CA MET A 245 10.85 -11.85 2.00
CA MET A 245 10.86 -11.82 1.99
C MET A 245 10.21 -12.86 1.07
C MET A 245 10.25 -12.89 1.11
N PRO A 246 10.91 -13.34 0.03
CA PRO A 246 10.45 -14.51 -0.73
C PRO A 246 10.25 -15.77 0.14
N SER A 247 9.34 -16.65 -0.27
CA SER A 247 8.96 -17.82 0.51
C SER A 247 10.16 -18.71 0.86
N SER A 248 11.15 -18.87 -0.04
CA SER A 248 12.34 -19.65 0.25
C SER A 248 13.11 -19.08 1.41
N GLN A 249 13.01 -17.78 1.64
CA GLN A 249 13.69 -17.23 2.77
C GLN A 249 12.78 -17.03 3.98
N MET A 250 11.63 -17.73 4.03
CA MET A 250 10.73 -17.66 5.17
C MET A 250 11.45 -18.16 6.40
N LYS A 251 11.94 -19.41 6.31
CA LYS A 251 12.67 -20.05 7.39
C LYS A 251 13.97 -19.29 7.68
N THR A 252 14.65 -18.74 6.66
CA THR A 252 15.85 -17.94 6.90
C THR A 252 15.55 -16.89 7.94
N PHE A 253 14.54 -16.10 7.66
N PHE A 253 14.58 -16.02 7.64
CA PHE A 253 14.25 -14.98 8.51
CA PHE A 253 14.27 -14.89 8.52
C PHE A 253 13.80 -15.42 9.91
C PHE A 253 13.87 -15.45 9.90
N LEU A 254 12.96 -16.44 9.97
CA LEU A 254 12.45 -16.96 11.24
C LEU A 254 13.53 -17.57 12.11
N ASN A 255 14.57 -18.17 11.48
CA ASN A 255 15.71 -18.74 12.21
C ASN A 255 16.64 -17.66 12.77
N LEU A 256 16.83 -16.57 12.02
CA LEU A 256 17.73 -15.49 12.43
C LEU A 256 17.06 -14.43 13.31
N ILE A 257 15.74 -14.32 13.25
CA ILE A 257 15.00 -13.32 14.02
C ILE A 257 13.83 -14.00 14.74
N HIS A 258 14.10 -14.40 15.96
CA HIS A 258 13.11 -15.10 16.77
C HIS A 258 12.16 -14.08 17.38
N SER A 259 10.91 -14.48 17.61
CA SER A 259 10.04 -13.78 18.54
C SER A 259 10.53 -14.01 19.97
N THR A 260 10.19 -13.11 20.91
CA THR A 260 10.64 -13.26 22.26
C THR A 260 9.69 -12.50 23.17
N ALA A 261 9.59 -12.96 24.42
CA ALA A 261 8.79 -12.25 25.42
C ALA A 261 9.32 -10.83 25.61
N CYS A 262 8.41 -9.86 25.69
CA CYS A 262 8.73 -8.47 25.96
CA CYS A 262 8.80 -8.52 26.12
C CYS A 262 7.57 -7.77 26.65
N THR A 263 7.85 -6.75 27.45
CA THR A 263 6.78 -5.83 27.85
C THR A 263 7.01 -4.41 27.30
N GLU A 264 6.04 -3.52 27.54
CA GLU A 264 6.21 -2.10 27.32
C GLU A 264 7.40 -1.58 28.10
N GLN A 265 7.69 -2.15 29.28
CA GLN A 265 8.73 -1.67 30.16
C GLN A 265 10.12 -2.11 29.75
N ASN A 266 10.30 -3.33 29.20
CA ASN A 266 11.65 -3.84 28.96
C ASN A 266 11.98 -4.03 27.48
N TYR A 267 11.09 -3.75 26.56
CA TYR A 267 11.35 -4.16 25.18
C TYR A 267 12.63 -3.54 24.57
N LYS A 268 12.97 -2.30 24.94
CA LYS A 268 14.18 -1.65 24.46
C LYS A 268 15.42 -2.41 24.90
N ASP A 269 15.44 -2.90 26.14
CA ASP A 269 16.51 -3.74 26.62
C ASP A 269 16.51 -5.12 25.93
N ILE A 270 15.34 -5.72 25.79
CA ILE A 270 15.27 -7.04 25.17
C ILE A 270 15.80 -6.94 23.73
N LEU A 271 15.49 -5.85 23.02
CA LEU A 271 15.85 -5.76 21.61
C LEU A 271 17.26 -5.24 21.35
N LYS A 272 18.03 -4.83 22.39
CA LYS A 272 19.39 -4.36 22.24
C LYS A 272 20.26 -5.43 21.56
N SER A 273 19.92 -6.71 21.72
CA SER A 273 20.68 -7.83 21.17
C SER A 273 20.30 -8.18 19.73
N TYR A 274 19.25 -7.56 19.18
CA TYR A 274 18.71 -7.97 17.90
C TYR A 274 19.52 -7.32 16.76
N PRO A 275 19.53 -7.98 15.61
CA PRO A 275 20.31 -7.52 14.49
C PRO A 275 19.71 -6.32 13.75
N ILE A 276 20.61 -5.54 13.12
CA ILE A 276 20.19 -4.53 12.16
C ILE A 276 19.97 -5.21 10.82
N ILE A 277 18.84 -4.91 10.18
CA ILE A 277 18.57 -5.43 8.85
C ILE A 277 19.02 -4.32 7.86
N LYS A 278 19.90 -4.65 6.91
CA LYS A 278 20.45 -3.65 6.02
C LYS A 278 20.01 -3.96 4.60
N TYR A 279 19.28 -3.05 3.96
CA TYR A 279 18.87 -3.15 2.56
C TYR A 279 19.88 -2.31 1.77
N VAL A 280 20.59 -2.94 0.82
CA VAL A 280 21.63 -2.27 0.05
C VAL A 280 21.13 -2.05 -1.36
N PHE A 281 20.87 -0.78 -1.65
CA PHE A 281 20.37 -0.34 -2.95
C PHE A 281 21.53 0.42 -3.58
N GLY A 282 22.62 -0.22 -3.93
CA GLY A 282 23.75 0.50 -4.52
C GLY A 282 24.51 1.30 -3.45
N GLU A 283 24.64 2.63 -3.65
CA GLU A 283 25.35 3.48 -2.71
CA GLU A 283 25.33 3.53 -2.74
C GLU A 283 24.46 3.75 -1.48
N LEU A 284 23.12 3.69 -1.62
CA LEU A 284 22.15 3.87 -0.52
C LEU A 284 21.96 2.55 0.26
N ILE A 285 22.15 2.62 1.58
CA ILE A 285 21.83 1.53 2.50
C ILE A 285 20.75 2.01 3.50
N ILE A 286 19.65 1.28 3.58
CA ILE A 286 18.61 1.55 4.57
C ILE A 286 18.80 0.50 5.68
N GLU A 287 18.97 0.97 6.91
CA GLU A 287 19.14 0.09 8.07
C GLU A 287 17.82 0.13 8.85
N LEU A 288 17.26 -1.03 9.12
CA LEU A 288 16.09 -1.14 9.97
C LEU A 288 16.62 -1.69 11.27
N HIS A 289 16.64 -0.84 12.31
CA HIS A 289 17.04 -1.26 13.64
C HIS A 289 15.92 -2.07 14.27
N PRO A 290 16.23 -2.91 15.30
CA PRO A 290 15.20 -3.76 15.90
C PRO A 290 13.90 -3.03 16.29
N GLU A 291 14.01 -1.86 16.90
CA GLU A 291 12.81 -1.11 17.29
C GLU A 291 11.98 -0.67 16.09
N GLU A 292 12.55 -0.68 14.87
CA GLU A 292 11.82 -0.32 13.66
C GLU A 292 11.19 -1.50 12.95
N TYR A 293 11.56 -2.74 13.25
CA TYR A 293 10.94 -3.89 12.61
C TYR A 293 10.24 -4.89 13.55
N MET A 294 10.43 -4.78 14.86
CA MET A 294 9.79 -5.66 15.84
C MET A 294 8.56 -4.94 16.37
N ILE A 295 7.41 -5.64 16.44
CA ILE A 295 6.19 -5.11 16.98
C ILE A 295 5.84 -5.86 18.26
N LEU A 296 5.16 -5.19 19.18
CA LEU A 296 4.86 -5.72 20.52
C LEU A 296 3.37 -6.03 20.55
N ASN A 297 3.01 -7.33 20.60
CA ASN A 297 1.61 -7.75 20.74
C ASN A 297 1.52 -8.87 21.78
N ASP A 298 0.66 -8.69 22.75
CA ASP A 298 0.52 -9.71 23.80
C ASP A 298 1.79 -10.08 24.51
N ASP A 299 2.64 -9.09 24.83
CA ASP A 299 3.90 -9.29 25.48
C ASP A 299 4.77 -10.29 24.71
N VAL A 300 4.70 -10.16 23.38
CA VAL A 300 5.65 -10.80 22.48
C VAL A 300 6.18 -9.78 21.45
N CYS A 301 7.50 -9.63 21.41
CA CYS A 301 8.22 -8.89 20.35
CA CYS A 301 8.12 -8.90 20.31
C CYS A 301 8.30 -9.88 19.15
N MET A 302 7.67 -9.57 18.03
CA MET A 302 7.65 -10.41 16.85
C MET A 302 8.08 -9.52 15.67
N PRO A 303 8.87 -10.05 14.72
CA PRO A 303 9.22 -9.24 13.55
C PRO A 303 8.04 -9.00 12.62
N ALA A 304 7.95 -7.77 12.07
CA ALA A 304 6.88 -7.40 11.14
C ALA A 304 7.22 -7.85 9.72
N TYR A 305 7.49 -9.14 9.57
CA TYR A 305 7.80 -9.81 8.33
C TYR A 305 6.89 -10.99 8.10
N MET A 306 6.39 -11.16 6.87
N MET A 306 6.47 -11.22 6.85
CA MET A 306 5.74 -12.40 6.49
CA MET A 306 5.54 -12.27 6.46
C MET A 306 5.91 -12.64 5.00
C MET A 306 5.87 -12.63 5.01
N GLN A 307 5.58 -13.86 4.58
CA GLN A 307 5.60 -14.24 3.17
C GLN A 307 4.32 -13.67 2.56
N ILE A 308 4.36 -13.11 1.35
CA ILE A 308 3.14 -12.66 0.66
C ILE A 308 3.40 -12.84 -0.85
N ASP A 309 2.45 -13.45 -1.58
CA ASP A 309 2.62 -13.67 -3.01
C ASP A 309 2.54 -12.31 -3.73
N VAL A 310 3.54 -12.02 -4.57
CA VAL A 310 3.59 -10.79 -5.36
C VAL A 310 3.40 -11.15 -6.83
N PRO A 311 2.23 -10.87 -7.45
CA PRO A 311 2.04 -11.18 -8.86
C PRO A 311 3.10 -10.51 -9.72
N SER A 312 3.72 -11.31 -10.59
CA SER A 312 4.77 -10.93 -11.54
C SER A 312 6.14 -10.78 -10.88
N GLU A 313 6.27 -11.06 -9.57
CA GLU A 313 7.57 -10.94 -8.94
C GLU A 313 7.74 -12.00 -7.88
N ARG A 314 7.30 -13.23 -8.21
CA ARG A 314 7.42 -14.36 -7.30
C ARG A 314 8.92 -14.68 -7.20
N ASN A 315 9.35 -15.00 -5.97
CA ASN A 315 10.69 -15.52 -5.71
C ASN A 315 11.76 -14.45 -5.52
N HIS A 316 11.59 -13.20 -5.96
CA HIS A 316 12.70 -12.23 -5.88
C HIS A 316 12.30 -10.83 -5.41
N ALA A 317 11.10 -10.65 -4.86
CA ALA A 317 10.60 -9.37 -4.35
C ALA A 317 10.59 -9.35 -2.80
N TYR A 318 10.98 -8.20 -2.26
CA TYR A 318 10.94 -7.88 -0.84
C TYR A 318 10.09 -6.64 -0.70
N LEU A 319 8.95 -6.73 0.00
CA LEU A 319 8.14 -5.58 0.25
C LEU A 319 8.63 -4.84 1.47
N LEU A 320 8.46 -3.54 1.37
CA LEU A 320 8.58 -2.60 2.47
C LEU A 320 7.17 -2.04 2.66
N GLY A 321 6.56 -2.35 3.86
CA GLY A 321 5.19 -1.99 4.13
C GLY A 321 5.07 -0.77 5.03
N SER A 322 3.87 -0.59 5.61
CA SER A 322 3.56 0.63 6.33
C SER A 322 4.06 0.65 7.76
N LEU A 323 4.07 -0.50 8.45
CA LEU A 323 4.11 -0.58 9.92
C LEU A 323 5.53 -0.48 10.41
N SER A 324 6.39 -1.23 9.72
CA SER A 324 7.82 -1.14 9.98
C SER A 324 8.38 0.03 9.17
N PHE A 325 8.16 0.04 7.82
CA PHE A 325 9.05 0.85 6.98
C PHE A 325 8.57 2.30 7.03
N MET A 326 7.32 2.57 6.63
CA MET A 326 6.84 3.95 6.46
C MET A 326 6.59 4.72 7.77
N ARG A 327 6.37 3.97 8.86
CA ARG A 327 6.33 4.55 10.19
C ARG A 327 7.64 5.25 10.53
N ASN A 328 8.78 4.76 10.02
CA ASN A 328 10.08 5.30 10.33
C ASN A 328 10.73 6.14 9.22
N PHE A 329 10.20 6.07 7.99
CA PHE A 329 10.82 6.62 6.82
C PHE A 329 9.74 7.30 5.96
N PHE A 330 9.93 8.60 5.74
CA PHE A 330 9.04 9.34 4.85
C PHE A 330 9.34 8.91 3.39
N THR A 331 8.29 8.55 2.67
CA THR A 331 8.49 8.04 1.32
C THR A 331 7.85 9.02 0.34
N VAL A 332 8.61 9.39 -0.70
CA VAL A 332 8.11 10.18 -1.84
C VAL A 332 8.07 9.34 -3.12
N PHE A 333 6.97 9.42 -3.82
CA PHE A 333 6.75 8.65 -5.04
C PHE A 333 6.65 9.64 -6.20
N VAL A 334 7.68 9.66 -7.06
CA VAL A 334 7.76 10.63 -8.17
C VAL A 334 7.37 9.95 -9.48
N ARG A 335 6.28 10.42 -10.08
CA ARG A 335 5.71 9.74 -11.23
C ARG A 335 6.41 10.26 -12.47
N GLY A 336 6.93 9.33 -13.27
CA GLY A 336 7.51 9.61 -14.57
C GLY A 336 6.42 10.21 -15.47
N THR A 337 6.86 11.25 -16.16
CA THR A 337 6.04 12.14 -16.98
C THR A 337 6.45 11.90 -18.43
N PRO A 341 11.39 9.01 -16.22
CA PRO A 341 11.28 7.71 -15.40
C PRO A 341 10.88 7.96 -13.95
N SER A 342 10.05 7.05 -13.41
CA SER A 342 9.58 7.21 -12.05
C SER A 342 10.73 6.94 -11.05
N MET A 343 10.61 7.55 -9.86
CA MET A 343 11.58 7.41 -8.79
C MET A 343 10.88 7.28 -7.44
N VAL A 344 11.56 6.61 -6.50
CA VAL A 344 11.13 6.63 -5.10
C VAL A 344 12.18 7.42 -4.31
N GLY A 345 11.70 8.29 -3.40
CA GLY A 345 12.51 9.06 -2.47
C GLY A 345 12.28 8.56 -1.06
N VAL A 346 13.38 8.38 -0.32
CA VAL A 346 13.30 7.94 1.06
C VAL A 346 14.09 8.90 1.93
N ALA A 347 13.47 9.27 3.05
CA ALA A 347 14.12 10.03 4.13
C ALA A 347 13.55 9.56 5.48
N ARG A 348 14.30 9.83 6.56
CA ARG A 348 13.90 9.56 7.93
C ARG A 348 12.72 10.42 8.34
N ALA A 349 11.74 9.81 9.02
CA ALA A 349 10.53 10.48 9.48
C ALA A 349 10.85 11.39 10.66
N LYS A 350 10.18 12.56 10.75
CA LYS A 350 10.53 13.59 11.73
C LYS A 350 10.03 13.14 13.12
#